data_1WLH
#
_entry.id   1WLH
#
_cell.length_a   56.320
_cell.length_b   61.670
_cell.length_c   119.030
_cell.angle_alpha   90.00
_cell.angle_beta   104.10
_cell.angle_gamma   90.00
#
_symmetry.space_group_name_H-M   'P 1 21 1'
#
loop_
_entity.id
_entity.type
_entity.pdbx_description
1 polymer 'Gelation factor'
2 water water
#
_entity_poly.entity_id   1
_entity_poly.type   'polypeptide(L)'
_entity_poly.pdbx_seq_one_letter_code
;PAADPEKSYAEGPGLDGGECFQPSKFKIHAVDPDGVHRTDGGDGFVVTIEGPAPVDPVMVDNGDGTYDVEFEPKEAGDYV
INLTLDGDNVNGFPKTVTVKPAPSAEHSYAEGEGLVKVFDNAPAEFTIFAVDTKGVARTDGGDPFEVAINGPDGLVVDAK
VTDNNDGTYGVVYDAPVEGNYNVNVTLRGNPIKNMPIDVKCIEGANGEDSSFGSFTFTVAAKNKKGEVKTYGGDKFEVSI
TGPAEEITLDAIDNQDGTYTAAYSLVGNGRFSTGVKLNGKHIEGSPFKQVLGNPGKKNPEVKSFTTTRTAN
;
_entity_poly.pdbx_strand_id   A,B
#
# COMPACT_ATOMS: atom_id res chain seq x y z
N PRO A 1 12.48 96.04 20.35
CA PRO A 1 12.38 94.90 19.45
C PRO A 1 11.23 94.03 20.04
N ALA A 2 10.10 94.55 19.69
CA ALA A 2 8.77 93.94 19.86
C ALA A 2 8.56 92.90 18.81
N ALA A 3 7.44 92.21 18.75
CA ALA A 3 7.51 90.91 18.01
C ALA A 3 7.40 90.95 16.54
N ASP A 4 7.73 89.84 15.85
CA ASP A 4 7.15 89.76 14.54
C ASP A 4 6.05 88.69 14.53
N PRO A 5 4.95 89.17 13.75
CA PRO A 5 3.99 88.01 13.60
C PRO A 5 4.72 86.93 12.73
N GLU A 6 5.49 87.36 11.77
CA GLU A 6 5.64 86.50 10.57
C GLU A 6 6.92 85.71 10.58
N LYS A 7 8.02 86.41 10.83
CA LYS A 7 9.33 85.75 10.69
C LYS A 7 9.58 84.86 11.93
N SER A 8 8.58 84.76 12.79
CA SER A 8 8.66 83.97 14.02
C SER A 8 7.73 82.75 14.03
N TYR A 9 8.30 81.60 13.75
CA TYR A 9 7.57 80.33 13.62
C TYR A 9 7.12 79.70 14.96
N ALA A 10 6.52 78.51 14.82
CA ALA A 10 6.29 77.56 15.91
C ALA A 10 6.45 76.14 15.37
N GLU A 11 6.94 75.23 16.20
CA GLU A 11 7.18 73.83 15.80
C GLU A 11 6.95 72.89 16.98
N GLY A 12 6.83 71.60 16.67
CA GLY A 12 6.75 70.58 17.73
C GLY A 12 5.92 69.33 17.40
N PRO A 13 6.30 68.20 18.00
CA PRO A 13 5.50 66.94 18.04
C PRO A 13 4.13 67.28 18.64
N GLY A 14 3.02 66.85 18.07
CA GLY A 14 1.71 67.34 18.56
C GLY A 14 1.10 68.50 17.74
N LEU A 15 1.85 69.22 16.89
CA LEU A 15 1.12 70.01 15.89
C LEU A 15 1.17 69.27 14.54
N ASP A 16 1.42 67.98 14.68
CA ASP A 16 1.69 67.04 13.58
C ASP A 16 0.77 65.81 13.61
N GLY A 17 0.28 65.42 14.79
CA GLY A 17 -0.81 64.43 14.94
C GLY A 17 -1.43 64.53 16.34
N GLY A 18 -2.09 63.42 16.74
CA GLY A 18 -2.46 63.26 18.15
C GLY A 18 -2.96 61.88 18.55
N GLU A 19 -3.32 61.70 19.79
CA GLU A 19 -3.77 60.50 20.46
C GLU A 19 -4.63 60.87 21.69
N CYS A 20 -5.64 60.09 21.97
CA CYS A 20 -6.67 60.26 22.94
C CYS A 20 -6.38 60.67 24.35
N PHE A 21 -5.32 60.20 25.00
CA PHE A 21 -5.10 60.66 26.39
C PHE A 21 -3.67 61.17 26.57
N GLN A 22 -3.01 61.35 25.45
CA GLN A 22 -1.58 61.67 25.41
C GLN A 22 -1.38 63.18 25.21
N PRO A 23 -0.36 63.72 25.86
CA PRO A 23 -0.11 65.18 25.86
C PRO A 23 0.46 65.63 24.50
N SER A 24 -0.01 66.80 24.04
CA SER A 24 0.39 67.33 22.71
C SER A 24 1.13 68.66 22.88
N LYS A 25 2.43 68.60 22.67
CA LYS A 25 3.31 69.73 23.03
C LYS A 25 3.75 70.51 21.79
N PHE A 26 3.93 71.80 21.83
CA PHE A 26 4.74 72.45 20.77
C PHE A 26 5.39 73.71 21.33
N LYS A 27 6.31 74.26 20.56
CA LYS A 27 7.18 75.34 21.01
C LYS A 27 7.10 76.53 20.04
N ILE A 28 6.85 77.69 20.64
CA ILE A 28 6.85 78.97 19.91
C ILE A 28 8.26 79.57 19.97
N HIS A 29 8.73 80.05 18.83
CA HIS A 29 10.02 80.75 18.69
C HIS A 29 9.79 82.18 18.18
N ALA A 30 9.72 83.14 19.09
CA ALA A 30 9.50 84.55 18.72
C ALA A 30 10.76 85.18 18.09
N VAL A 31 10.54 85.95 17.04
CA VAL A 31 11.61 86.60 16.24
C VAL A 31 11.13 88.02 15.91
N ASP A 32 12.00 88.88 15.43
CA ASP A 32 11.59 90.36 15.37
C ASP A 32 11.87 90.51 13.83
N PRO A 33 13.28 90.24 13.59
CA PRO A 33 13.24 89.35 12.39
C PRO A 33 13.87 87.99 12.83
N ASP A 34 14.94 88.19 13.53
CA ASP A 34 15.98 87.36 14.06
C ASP A 34 15.91 87.47 15.61
N GLY A 35 16.40 86.50 16.30
CA GLY A 35 16.67 86.49 17.74
C GLY A 35 15.54 86.08 18.64
N VAL A 36 14.98 87.02 19.39
CA VAL A 36 13.96 86.75 20.43
C VAL A 36 12.81 87.79 20.46
N ASP A 40 12.81 89.24 25.76
CA ASP A 40 12.90 87.78 26.00
C ASP A 40 11.81 87.38 26.99
N GLY A 41 10.58 87.45 26.48
CA GLY A 41 9.44 87.12 27.34
C GLY A 41 8.22 88.05 27.22
N GLY A 42 8.26 89.00 26.26
CA GLY A 42 7.01 89.70 25.86
C GLY A 42 5.89 88.63 25.65
N ASP A 43 4.64 89.07 25.51
CA ASP A 43 3.58 88.08 25.71
C ASP A 43 2.34 88.29 24.83
N GLY A 44 2.55 88.39 23.50
CA GLY A 44 1.41 88.66 22.59
C GLY A 44 0.63 87.42 22.10
N PHE A 45 1.35 86.31 22.04
CA PHE A 45 0.84 85.01 21.55
C PHE A 45 -0.37 84.51 22.35
N VAL A 46 -1.23 83.74 21.70
CA VAL A 46 -2.43 83.15 22.33
C VAL A 46 -2.96 82.02 21.43
N VAL A 47 -3.28 80.90 22.07
CA VAL A 47 -3.68 79.69 21.34
C VAL A 47 -5.10 79.30 21.73
N THR A 48 -5.84 78.88 20.73
CA THR A 48 -7.23 78.38 20.92
C THR A 48 -7.34 77.08 20.13
N ILE A 49 -8.08 76.12 20.71
CA ILE A 49 -8.25 74.78 20.10
C ILE A 49 -9.71 74.33 20.15
N GLU A 50 -10.34 74.38 18.98
CA GLU A 50 -11.70 73.85 18.82
C GLU A 50 -11.60 72.48 18.15
N GLY A 51 -12.50 71.60 18.55
CA GLY A 51 -12.55 70.29 17.92
C GLY A 51 -13.65 69.50 18.59
N PRO A 52 -13.88 68.22 18.20
CA PRO A 52 -14.97 67.36 18.65
C PRO A 52 -15.01 67.05 20.19
N ALA A 53 -14.68 68.19 20.93
CA ALA A 53 -14.59 68.32 22.38
C ALA A 53 -14.25 69.77 22.85
N PRO A 54 -14.23 69.99 24.18
CA PRO A 54 -13.48 71.23 24.52
C PRO A 54 -12.00 70.87 24.79
N VAL A 55 -11.13 71.89 24.83
CA VAL A 55 -9.68 71.72 25.10
C VAL A 55 -9.05 73.07 25.53
N ASP A 56 -9.00 73.33 26.84
CA ASP A 56 -8.23 74.47 27.36
C ASP A 56 -6.72 74.18 27.38
N PRO A 57 -5.97 74.86 26.49
CA PRO A 57 -4.54 74.58 26.31
C PRO A 57 -3.70 75.51 27.22
N VAL A 58 -2.68 74.94 27.84
CA VAL A 58 -1.79 75.72 28.72
C VAL A 58 -0.65 76.28 27.85
N MET A 59 -0.48 77.58 27.98
CA MET A 59 0.66 78.26 27.38
C MET A 59 1.65 78.57 28.46
N VAL A 60 2.17 77.46 29.07
CA VAL A 60 3.35 77.74 29.96
C VAL A 60 4.42 78.30 28.96
N ASP A 61 4.97 79.46 29.33
CA ASP A 61 5.32 80.43 28.34
C ASP A 61 6.75 80.72 28.06
N ASN A 62 7.45 81.20 29.03
CA ASN A 62 8.59 82.06 28.65
C ASN A 62 9.73 82.12 29.67
N GLY A 63 10.88 82.63 29.05
CA GLY A 63 12.20 82.71 29.68
C GLY A 63 13.05 83.55 28.71
N ASP A 64 13.95 82.94 27.97
CA ASP A 64 14.17 83.37 26.56
C ASP A 64 12.84 83.37 25.77
N GLY A 65 12.95 84.01 24.55
CA GLY A 65 11.89 84.15 23.54
C GLY A 65 11.20 82.88 22.99
N THR A 66 11.13 81.87 23.84
CA THR A 66 10.41 80.62 23.52
C THR A 66 9.22 80.48 24.47
N TYR A 67 8.27 79.69 24.01
CA TYR A 67 7.00 79.42 24.69
C TYR A 67 6.62 77.95 24.56
N ASP A 68 6.24 77.32 25.66
CA ASP A 68 5.87 75.90 25.62
C ASP A 68 4.37 75.69 25.85
N VAL A 69 3.71 75.22 24.82
CA VAL A 69 2.26 74.98 24.94
C VAL A 69 1.98 73.48 24.87
N GLU A 70 1.02 73.10 25.67
CA GLU A 70 0.58 71.71 25.76
C GLU A 70 -0.93 71.71 25.98
N PHE A 71 -1.56 70.76 25.31
CA PHE A 71 -2.95 70.41 25.56
C PHE A 71 -3.09 68.90 25.32
N GLU A 72 -4.02 68.24 25.98
CA GLU A 72 -4.13 66.79 25.74
C GLU A 72 -5.53 66.41 25.22
N PRO A 73 -5.65 66.06 23.92
CA PRO A 73 -7.04 65.89 23.43
C PRO A 73 -7.77 64.73 24.12
N LYS A 74 -9.05 64.94 24.47
CA LYS A 74 -9.90 63.91 25.09
C LYS A 74 -10.73 63.17 24.02
N GLU A 75 -10.02 62.35 23.25
CA GLU A 75 -10.62 61.43 22.26
C GLU A 75 -11.56 62.04 21.22
N ALA A 76 -10.88 62.31 20.11
CA ALA A 76 -11.49 62.70 18.83
C ALA A 76 -10.38 62.82 17.76
N GLY A 77 -10.93 62.87 16.48
CA GLY A 77 -10.25 63.16 15.21
C GLY A 77 -9.67 64.57 15.04
N ASP A 78 -10.33 65.45 14.30
CA ASP A 78 -9.64 66.69 13.84
C ASP A 78 -9.81 67.89 14.77
N TYR A 79 -8.69 68.57 15.00
CA TYR A 79 -8.65 69.76 15.88
C TYR A 79 -8.00 70.92 15.13
N VAL A 80 -8.66 72.07 15.25
CA VAL A 80 -8.10 73.34 14.73
C VAL A 80 -7.28 73.98 15.85
N ILE A 81 -6.18 74.59 15.42
CA ILE A 81 -5.30 75.29 16.37
C ILE A 81 -5.04 76.68 15.77
N ASN A 82 -5.41 77.71 16.50
CA ASN A 82 -5.13 79.09 16.07
C ASN A 82 -4.12 79.73 17.02
N LEU A 83 -3.04 80.21 16.37
CA LEU A 83 -1.94 80.91 17.05
C LEU A 83 -1.85 82.35 16.50
N THR A 84 -2.20 83.27 17.39
CA THR A 84 -2.23 84.70 17.04
C THR A 84 -1.15 85.41 17.86
N LEU A 85 -0.72 86.56 17.36
CA LEU A 85 0.28 87.40 18.03
C LEU A 85 -0.23 88.84 18.03
N ASP A 86 -0.74 89.24 19.18
CA ASP A 86 -1.40 90.56 19.35
C ASP A 86 -2.61 90.71 18.40
N GLY A 87 -3.26 89.58 18.07
CA GLY A 87 -4.34 89.56 17.08
C GLY A 87 -3.84 89.70 15.64
N ASP A 88 -2.91 88.83 15.29
CA ASP A 88 -2.35 88.67 13.94
C ASP A 88 -1.97 87.21 13.72
N ASN A 89 -2.03 86.73 12.47
CA ASN A 89 -1.76 85.30 12.24
C ASN A 89 -0.26 85.07 12.16
N VAL A 90 0.24 84.26 13.08
CA VAL A 90 1.68 83.92 13.05
C VAL A 90 1.95 83.20 11.73
N ASN A 91 3.18 83.27 11.23
CA ASN A 91 3.49 82.64 9.93
C ASN A 91 3.35 81.11 9.87
N GLY A 92 2.67 80.57 10.87
CA GLY A 92 2.28 79.16 10.87
C GLY A 92 0.82 78.90 10.47
N PHE A 93 -0.11 79.79 10.84
CA PHE A 93 -1.52 79.39 11.07
C PHE A 93 -2.58 80.17 10.25
N PRO A 94 -3.86 79.76 10.40
CA PRO A 94 -4.41 78.63 11.19
C PRO A 94 -3.86 77.29 10.68
N LYS A 95 -3.88 76.30 11.56
CA LYS A 95 -3.31 74.97 11.25
C LYS A 95 -4.12 73.87 11.95
N THR A 96 -4.23 72.74 11.27
CA THR A 96 -5.14 71.66 11.68
C THR A 96 -4.39 70.34 11.85
N VAL A 97 -4.58 69.76 13.03
CA VAL A 97 -4.00 68.46 13.36
C VAL A 97 -5.16 67.45 13.38
N THR A 98 -4.80 66.16 13.26
CA THR A 98 -5.81 65.10 13.37
C THR A 98 -5.38 64.12 14.45
N VAL A 99 -6.22 64.16 15.48
CA VAL A 99 -6.00 63.25 16.61
C VAL A 99 -6.72 61.93 16.37
N LYS A 100 -5.95 60.93 16.73
CA LYS A 100 -6.32 59.53 16.55
C LYS A 100 -6.75 58.83 17.83
N PRO A 101 -7.46 57.77 17.62
CA PRO A 101 -8.00 57.25 18.87
C PRO A 101 -6.87 56.55 19.61
N ALA A 102 -7.23 56.10 20.78
CA ALA A 102 -6.25 55.42 21.63
C ALA A 102 -6.50 53.93 21.74
N PRO A 103 -5.43 53.16 21.54
CA PRO A 103 -5.49 51.69 21.66
C PRO A 103 -5.84 51.25 23.08
N SER A 104 -6.45 50.09 23.23
CA SER A 104 -6.92 49.63 24.56
C SER A 104 -6.25 48.36 25.04
N ALA A 105 -5.70 48.46 26.25
CA ALA A 105 -4.96 47.37 26.89
C ALA A 105 -5.71 46.02 26.92
N GLU A 106 -7.01 46.04 27.28
CA GLU A 106 -7.82 44.81 27.27
C GLU A 106 -9.06 44.95 26.37
N HIS A 107 -8.86 45.63 25.25
CA HIS A 107 -9.82 45.55 24.13
C HIS A 107 -9.08 45.03 22.91
N SER A 108 -7.84 44.55 23.05
CA SER A 108 -7.00 44.16 21.91
C SER A 108 -6.47 42.77 22.24
N TYR A 109 -6.47 41.86 21.27
CA TYR A 109 -6.17 40.42 21.46
C TYR A 109 -5.19 39.90 20.41
N ALA A 110 -4.77 38.64 20.55
CA ALA A 110 -3.90 38.00 19.55
C ALA A 110 -4.33 36.58 19.20
N GLU A 111 -4.35 36.27 17.90
CA GLU A 111 -4.70 34.92 17.40
C GLU A 111 -3.68 34.46 16.35
N GLY A 112 -3.52 33.14 16.31
CA GLY A 112 -2.63 32.46 15.36
C GLY A 112 -2.25 31.13 16.00
N GLU A 113 -1.82 30.22 15.12
CA GLU A 113 -1.26 28.92 15.55
C GLU A 113 -0.03 29.11 16.47
N GLY A 114 0.47 30.33 16.53
CA GLY A 114 1.62 30.73 17.37
C GLY A 114 1.30 30.74 18.86
N LEU A 115 0.04 31.04 19.21
CA LEU A 115 -0.36 30.91 20.61
C LEU A 115 -1.08 29.65 20.95
N VAL A 116 -0.97 28.67 20.02
CA VAL A 116 -1.76 27.41 20.23
C VAL A 116 -0.72 26.27 20.45
N LYS A 117 0.16 26.13 19.44
CA LYS A 117 0.85 24.83 19.32
C LYS A 117 1.95 25.04 18.27
N VAL A 118 3.15 24.76 18.69
CA VAL A 118 4.36 25.16 17.94
C VAL A 118 5.28 23.95 17.77
N PHE A 119 5.82 23.83 16.57
CA PHE A 119 6.84 22.80 16.29
C PHE A 119 8.23 23.43 16.51
N ASP A 120 9.21 22.56 16.70
CA ASP A 120 10.58 23.04 16.98
C ASP A 120 11.42 23.14 15.70
N ASN A 121 10.80 23.17 14.54
CA ASN A 121 11.51 23.10 13.26
C ASN A 121 10.82 23.96 12.20
N ALA A 122 9.88 24.75 12.68
CA ALA A 122 9.11 25.67 11.83
C ALA A 122 8.71 26.88 12.67
N PRO A 123 8.65 28.03 12.00
CA PRO A 123 8.42 29.30 12.72
C PRO A 123 6.97 29.41 13.19
N ALA A 124 6.80 29.79 14.44
CA ALA A 124 5.48 30.13 15.00
C ALA A 124 5.05 31.53 14.53
N GLU A 125 3.80 31.61 14.11
CA GLU A 125 3.18 32.87 13.66
C GLU A 125 2.00 33.22 14.56
N PHE A 126 1.59 34.48 14.54
CA PHE A 126 0.30 34.92 15.07
C PHE A 126 0.19 36.42 14.78
N THR A 127 -1.00 36.97 15.00
CA THR A 127 -1.26 38.41 14.80
C THR A 127 -1.78 39.07 16.08
N ILE A 128 -1.38 40.32 16.26
CA ILE A 128 -1.90 41.19 17.35
C ILE A 128 -3.02 42.01 16.71
N PHE A 129 -4.09 42.17 17.46
CA PHE A 129 -5.27 42.90 16.98
C PHE A 129 -5.50 44.14 17.82
N ALA A 130 -5.37 45.28 17.15
CA ALA A 130 -5.42 46.60 17.80
C ALA A 130 -6.83 47.16 17.76
N VAL A 131 -7.36 47.32 18.96
CA VAL A 131 -8.69 47.94 19.14
C VAL A 131 -8.43 49.32 19.79
N ASP A 132 -9.42 50.18 19.63
CA ASP A 132 -9.28 51.54 20.18
C ASP A 132 -9.97 51.55 21.57
N THR A 133 -10.14 52.75 22.14
CA THR A 133 -10.50 52.85 23.56
C THR A 133 -11.95 52.44 23.80
N LYS A 134 -12.73 52.92 22.85
CA LYS A 134 -14.18 52.73 22.81
C LYS A 134 -14.54 51.28 22.52
N GLY A 135 -13.80 50.63 21.60
CA GLY A 135 -14.32 49.35 21.09
C GLY A 135 -14.01 49.04 19.63
N VAL A 136 -14.25 49.95 18.69
CA VAL A 136 -13.90 49.76 17.26
C VAL A 136 -12.46 49.16 17.11
N ALA A 137 -12.07 48.84 15.88
CA ALA A 137 -10.71 48.36 15.62
C ALA A 137 -9.89 49.48 14.97
N ARG A 138 -8.63 49.55 15.36
CA ARG A 138 -7.69 50.52 14.79
C ARG A 138 -7.56 50.40 13.26
N THR A 139 -7.62 51.55 12.60
CA THR A 139 -7.45 51.62 11.13
C THR A 139 -5.99 51.39 10.77
N ASP A 140 -5.08 52.23 11.26
CA ASP A 140 -3.64 52.20 10.94
C ASP A 140 -2.78 51.74 12.14
N GLY A 141 -1.47 51.95 12.05
CA GLY A 141 -0.52 51.53 13.10
C GLY A 141 0.14 52.73 13.80
N GLY A 142 1.41 52.48 14.16
CA GLY A 142 2.22 53.44 14.91
C GLY A 142 1.99 53.32 16.43
N ASP A 143 1.26 52.27 16.82
CA ASP A 143 1.02 52.00 18.24
C ASP A 143 2.16 51.10 18.76
N PRO A 144 2.67 51.44 19.95
CA PRO A 144 3.84 50.75 20.55
C PRO A 144 3.46 49.48 21.33
N PHE A 145 3.14 48.41 20.62
CA PHE A 145 2.99 47.08 21.26
C PHE A 145 4.36 46.39 21.39
N GLU A 146 4.48 45.54 22.40
CA GLU A 146 5.74 44.81 22.66
C GLU A 146 5.49 43.32 22.90
N VAL A 147 6.52 42.51 22.64
CA VAL A 147 6.38 41.04 22.70
C VAL A 147 7.62 40.41 23.35
N ALA A 148 7.49 40.00 24.61
CA ALA A 148 8.56 39.22 25.28
C ALA A 148 8.25 37.71 25.24
N ILE A 149 9.25 36.92 24.83
CA ILE A 149 9.10 35.45 24.71
C ILE A 149 10.15 34.76 25.59
N ASN A 150 9.65 34.00 26.56
CA ASN A 150 10.54 33.26 27.47
C ASN A 150 10.15 31.78 27.47
N GLY A 151 11.04 30.95 26.93
CA GLY A 151 10.69 29.57 26.60
C GLY A 151 11.19 28.53 27.60
N PRO A 152 11.67 27.39 27.07
CA PRO A 152 12.29 26.35 27.92
C PRO A 152 13.51 26.99 28.58
N ASP A 153 13.98 26.36 29.67
CA ASP A 153 15.19 26.83 30.37
C ASP A 153 15.18 28.36 30.55
N GLY A 154 14.02 28.94 30.82
CA GLY A 154 13.85 30.41 30.91
C GLY A 154 14.25 31.33 29.72
N LEU A 155 15.23 30.96 28.90
CA LEU A 155 15.93 31.75 27.87
C LEU A 155 14.95 32.57 27.03
N VAL A 156 15.46 33.72 26.62
CA VAL A 156 14.72 34.69 25.80
C VAL A 156 14.72 34.26 24.32
N VAL A 157 13.61 34.58 23.67
CA VAL A 157 13.42 34.31 22.25
C VAL A 157 12.96 35.60 21.58
N ASP A 158 13.75 36.02 20.61
CA ASP A 158 13.53 37.31 19.95
C ASP A 158 12.44 37.25 18.87
N ALA A 159 11.27 37.79 19.23
CA ALA A 159 10.16 37.87 18.26
C ALA A 159 10.32 39.09 17.34
N LYS A 160 9.79 38.96 16.13
CA LYS A 160 9.84 40.03 15.12
C LYS A 160 8.42 40.56 14.86
N VAL A 161 8.19 41.79 15.31
CA VAL A 161 6.87 42.43 15.11
C VAL A 161 6.92 43.27 13.84
N THR A 162 5.90 43.08 13.01
CA THR A 162 5.81 43.83 11.74
C THR A 162 4.53 44.68 11.74
N ASP A 163 4.74 45.99 11.69
CA ASP A 163 3.63 46.94 11.56
C ASP A 163 2.89 46.76 10.21
N ASN A 164 1.84 45.94 10.25
CA ASN A 164 0.92 45.93 9.10
C ASN A 164 0.01 47.15 9.23
N ASN A 165 0.21 48.11 8.30
CA ASN A 165 -0.38 49.40 8.44
C ASN A 165 -1.85 49.56 8.39
N ASP A 166 -2.52 49.01 9.41
CA ASP A 166 -3.93 48.96 9.63
C ASP A 166 -4.46 49.03 11.01
N GLY A 167 -3.78 48.38 11.97
CA GLY A 167 -4.36 48.06 13.30
C GLY A 167 -4.23 46.53 13.46
N THR A 168 -3.22 46.09 12.71
CA THR A 168 -2.72 44.71 12.76
C THR A 168 -1.20 44.69 12.80
N TYR A 169 -0.65 43.79 13.60
CA TYR A 169 0.81 43.60 13.54
C TYR A 169 1.11 42.10 13.50
N GLY A 170 2.00 41.71 12.57
CA GLY A 170 2.37 40.29 12.43
C GLY A 170 3.51 39.95 13.40
N VAL A 171 3.48 38.75 13.96
CA VAL A 171 4.54 38.28 14.88
C VAL A 171 5.10 36.95 14.37
N VAL A 172 6.42 36.84 14.45
CA VAL A 172 7.13 35.60 14.10
C VAL A 172 8.13 35.30 15.20
N TYR A 173 8.39 34.01 15.40
CA TYR A 173 9.47 33.55 16.29
C TYR A 173 9.80 32.07 16.07
N ASP A 174 11.04 31.72 16.46
CA ASP A 174 11.54 30.34 16.34
C ASP A 174 11.63 29.74 17.76
N ALA A 175 11.23 28.49 17.90
CA ALA A 175 11.27 27.80 19.20
C ALA A 175 12.07 26.49 19.09
N PRO A 176 13.39 26.62 18.86
CA PRO A 176 14.28 25.47 18.59
C PRO A 176 14.09 24.23 19.49
N VAL A 177 13.75 24.45 20.76
CA VAL A 177 13.59 23.34 21.72
C VAL A 177 12.11 23.07 22.01
N GLU A 178 11.80 21.78 22.22
CA GLU A 178 10.52 21.41 22.84
C GLU A 178 10.56 21.92 24.29
N GLY A 179 9.45 22.50 24.71
CA GLY A 179 9.36 23.04 26.08
C GLY A 179 8.13 23.91 26.18
N ASN A 180 8.19 24.79 27.15
CA ASN A 180 7.12 25.77 27.36
C ASN A 180 7.65 27.14 26.92
N TYR A 181 6.76 27.99 26.45
CA TYR A 181 7.12 29.33 25.93
C TYR A 181 6.08 30.35 26.40
N ASN A 182 6.50 31.24 27.28
CA ASN A 182 5.63 32.31 27.77
C ASN A 182 5.68 33.52 26.83
N VAL A 183 4.51 33.85 26.28
CA VAL A 183 4.39 34.94 25.30
C VAL A 183 3.52 36.06 25.90
N ASN A 184 4.20 37.12 26.28
CA ASN A 184 3.53 38.26 26.90
C ASN A 184 3.55 39.43 25.91
N VAL A 185 2.37 39.95 25.65
CA VAL A 185 2.29 41.01 24.65
C VAL A 185 1.77 42.27 25.35
N THR A 186 2.62 43.14 25.83
CA THR A 186 2.11 44.32 26.57
C THR A 186 1.87 45.53 25.64
N LEU A 187 0.90 46.41 26.03
CA LEU A 187 0.67 47.74 25.45
C LEU A 187 0.97 48.81 26.48
N ARG A 188 1.97 49.65 26.21
CA ARG A 188 2.29 50.71 27.20
C ARG A 188 2.64 50.03 28.50
N GLY A 189 3.40 48.93 28.28
CA GLY A 189 3.99 48.12 29.33
C GLY A 189 2.85 47.52 30.18
N ASN A 190 1.76 47.10 29.60
CA ASN A 190 0.58 46.50 30.32
C ASN A 190 -0.04 45.31 29.58
N PRO A 191 0.15 44.10 30.12
CA PRO A 191 -0.32 42.88 29.45
C PRO A 191 -1.77 42.88 28.94
N ILE A 192 -1.79 43.07 27.63
CA ILE A 192 -2.99 43.13 26.76
C ILE A 192 -3.78 41.83 26.77
N LYS A 193 -4.89 41.80 26.01
CA LYS A 193 -5.86 40.70 26.11
C LYS A 193 -5.25 39.31 26.28
N ASN A 194 -5.70 38.74 27.39
CA ASN A 194 -5.32 37.44 27.98
C ASN A 194 -3.82 37.15 27.83
N MET A 195 -3.05 38.19 28.03
CA MET A 195 -1.59 38.13 27.96
C MET A 195 -1.00 38.28 29.38
N PRO A 196 -0.18 37.32 29.87
CA PRO A 196 0.62 36.37 29.09
C PRO A 196 -0.21 35.07 29.02
N ILE A 197 0.49 34.00 28.62
CA ILE A 197 -0.14 32.75 28.14
C ILE A 197 1.06 31.83 27.84
N ASP A 198 0.93 30.60 28.33
CA ASP A 198 1.84 29.52 27.95
C ASP A 198 1.54 28.97 26.55
N VAL A 199 2.58 28.48 25.91
CA VAL A 199 2.47 27.80 24.61
C VAL A 199 3.37 26.57 24.66
N LYS A 200 2.82 25.47 24.15
CA LYS A 200 3.57 24.20 24.03
C LYS A 200 4.22 24.08 22.63
N CYS A 201 5.51 23.78 22.67
CA CYS A 201 6.25 23.35 21.47
C CYS A 201 6.73 21.91 21.67
N ILE A 202 6.44 21.10 20.67
CA ILE A 202 6.82 19.67 20.67
C ILE A 202 7.79 19.41 19.52
N GLU A 203 8.50 18.30 19.58
CA GLU A 203 9.31 17.83 18.43
C GLU A 203 8.45 17.91 17.15
N GLY A 204 9.11 18.21 16.04
CA GLY A 204 8.40 18.54 14.79
C GLY A 204 8.89 17.69 13.63
N ALA A 205 8.06 16.75 13.20
CA ALA A 205 8.34 15.96 11.97
C ALA A 205 8.84 16.89 10.85
N ASN A 206 9.81 16.40 10.11
CA ASN A 206 10.42 17.12 9.00
C ASN A 206 10.04 16.40 7.71
N GLY A 207 8.88 16.80 7.16
CA GLY A 207 8.27 16.18 5.97
C GLY A 207 9.28 15.68 4.93
N GLU A 208 9.86 16.60 4.18
CA GLU A 208 10.79 16.32 3.05
C GLU A 208 11.86 15.23 3.23
N ASP A 209 12.33 15.03 4.45
CA ASP A 209 13.30 13.95 4.74
C ASP A 209 12.67 12.71 5.41
N SER A 210 11.38 12.54 5.17
CA SER A 210 10.59 11.51 5.88
C SER A 210 10.26 10.38 4.94
N SER A 211 10.25 9.21 5.54
CA SER A 211 10.39 7.96 4.78
C SER A 211 9.15 7.06 4.87
N PHE A 212 8.72 6.59 3.71
CA PHE A 212 7.83 5.41 3.63
C PHE A 212 8.48 4.21 4.30
N GLY A 213 7.76 3.62 5.28
CA GLY A 213 8.28 2.46 6.02
C GLY A 213 7.90 1.16 5.33
N SER A 214 6.70 0.70 5.65
CA SER A 214 6.18 -0.59 5.16
C SER A 214 4.88 -0.36 4.38
N PHE A 215 4.47 -1.38 3.65
CA PHE A 215 3.21 -1.34 2.89
C PHE A 215 2.50 -2.66 3.07
N THR A 216 1.19 -2.56 2.93
CA THR A 216 0.36 -3.76 2.99
C THR A 216 -0.78 -3.58 1.98
N PHE A 217 -1.03 -4.66 1.27
CA PHE A 217 -2.25 -4.72 0.46
C PHE A 217 -2.95 -6.05 0.74
N THR A 218 -4.26 -6.00 0.67
CA THR A 218 -5.04 -7.22 0.90
C THR A 218 -5.88 -7.56 -0.33
N VAL A 219 -5.98 -8.86 -0.62
CA VAL A 219 -6.82 -9.33 -1.73
C VAL A 219 -8.04 -9.98 -1.08
N ALA A 220 -9.20 -9.86 -1.71
CA ALA A 220 -10.38 -10.64 -1.25
C ALA A 220 -10.65 -11.77 -2.25
N ALA A 221 -10.23 -12.98 -1.89
CA ALA A 221 -10.38 -14.14 -2.80
C ALA A 221 -11.85 -14.39 -3.20
N LYS A 222 -12.07 -14.61 -4.48
CA LYS A 222 -13.43 -14.88 -5.01
C LYS A 222 -13.51 -16.35 -5.46
N ASN A 223 -14.62 -17.00 -5.18
CA ASN A 223 -14.79 -18.41 -5.56
C ASN A 223 -15.40 -18.51 -6.97
N LYS A 224 -15.79 -19.73 -7.36
CA LYS A 224 -16.34 -19.96 -8.70
C LYS A 224 -17.77 -19.41 -8.89
N LYS A 225 -18.42 -19.15 -7.75
CA LYS A 225 -19.78 -18.59 -7.68
C LYS A 225 -19.74 -17.07 -7.91
N GLY A 226 -18.60 -16.44 -7.58
CA GLY A 226 -18.45 -14.98 -7.63
C GLY A 226 -18.67 -14.35 -6.24
N GLU A 227 -18.61 -15.18 -5.22
CA GLU A 227 -18.73 -14.69 -3.84
C GLU A 227 -17.37 -14.78 -3.16
N VAL A 228 -17.25 -13.94 -2.14
CA VAL A 228 -16.05 -13.94 -1.29
C VAL A 228 -15.99 -15.26 -0.54
N LYS A 229 -14.86 -15.94 -0.71
CA LYS A 229 -14.53 -17.11 0.12
C LYS A 229 -14.54 -16.66 1.59
N THR A 230 -14.64 -17.61 2.50
CA THR A 230 -14.72 -17.26 3.94
C THR A 230 -13.59 -17.91 4.77
N TYR A 231 -12.91 -18.89 4.18
CA TYR A 231 -11.64 -19.41 4.69
C TYR A 231 -10.57 -19.25 3.61
N GLY A 232 -9.32 -19.49 4.02
CA GLY A 232 -8.20 -19.50 3.08
C GLY A 232 -7.90 -20.92 2.56
N GLY A 233 -6.60 -21.18 2.46
CA GLY A 233 -6.12 -22.49 1.99
C GLY A 233 -5.50 -22.44 0.60
N ASP A 234 -5.73 -21.36 -0.13
CA ASP A 234 -5.21 -21.21 -1.51
C ASP A 234 -3.71 -20.90 -1.54
N LYS A 235 -3.08 -21.28 -2.65
CA LYS A 235 -1.67 -20.94 -2.90
C LYS A 235 -1.57 -19.43 -3.19
N PHE A 236 -0.85 -18.71 -2.33
CA PHE A 236 -0.81 -17.25 -2.42
C PHE A 236 0.62 -16.75 -2.64
N GLU A 237 0.88 -16.21 -3.82
CA GLU A 237 2.25 -15.82 -4.21
C GLU A 237 2.32 -14.32 -4.53
N VAL A 238 3.29 -13.66 -3.91
CA VAL A 238 3.55 -12.24 -4.16
C VAL A 238 4.97 -12.05 -4.71
N SER A 239 5.02 -11.50 -5.91
CA SER A 239 6.29 -11.23 -6.58
C SER A 239 6.57 -9.74 -6.79
N ILE A 240 7.59 -9.24 -6.13
CA ILE A 240 8.02 -7.85 -6.39
C ILE A 240 9.31 -7.84 -7.22
N THR A 241 9.30 -7.01 -8.27
CA THR A 241 10.45 -6.90 -9.16
C THR A 241 10.94 -5.46 -9.27
N GLY A 242 12.21 -5.31 -8.89
CA GLY A 242 12.88 -4.01 -9.06
C GLY A 242 14.27 -3.91 -8.41
N PRO A 243 14.85 -2.71 -8.35
CA PRO A 243 16.15 -2.43 -7.72
C PRO A 243 15.92 -1.97 -6.28
N ALA A 244 16.54 -2.65 -5.31
CA ALA A 244 16.20 -2.44 -3.89
C ALA A 244 17.44 -2.63 -3.01
N GLU A 245 17.99 -1.51 -2.55
CA GLU A 245 19.12 -1.57 -1.59
C GLU A 245 18.68 -2.44 -0.40
N GLU A 246 17.40 -2.32 -0.07
CA GLU A 246 16.75 -3.22 0.90
C GLU A 246 15.31 -3.65 0.58
N ILE A 247 15.06 -4.91 0.91
CA ILE A 247 13.68 -5.45 0.87
C ILE A 247 13.34 -6.43 2.02
N THR A 248 12.04 -6.50 2.32
CA THR A 248 11.46 -7.58 3.16
C THR A 248 9.98 -7.75 2.76
N LEU A 249 9.59 -8.95 2.35
CA LEU A 249 8.22 -9.22 1.86
C LEU A 249 7.53 -10.30 2.70
N ASP A 250 6.20 -10.25 2.68
CA ASP A 250 5.36 -11.22 3.40
C ASP A 250 4.15 -11.64 2.58
N ALA A 251 4.00 -12.95 2.47
CA ALA A 251 2.77 -13.54 1.92
C ALA A 251 2.03 -14.30 3.03
N ILE A 252 0.94 -13.69 3.50
CA ILE A 252 0.18 -14.23 4.65
C ILE A 252 -1.23 -14.65 4.20
N ASP A 253 -1.62 -15.86 4.60
CA ASP A 253 -3.02 -16.31 4.55
C ASP A 253 -3.73 -15.85 5.83
N ASN A 254 -4.36 -14.68 5.82
CA ASN A 254 -5.33 -14.39 6.91
C ASN A 254 -6.43 -15.43 6.69
N GLN A 255 -6.55 -16.40 7.61
CA GLN A 255 -7.27 -17.63 7.27
C GLN A 255 -8.79 -17.38 7.32
N ASP A 256 -9.29 -16.51 6.43
CA ASP A 256 -10.69 -16.04 6.55
C ASP A 256 -11.30 -15.57 5.21
N GLY A 257 -10.63 -15.94 4.13
CA GLY A 257 -11.07 -15.52 2.79
C GLY A 257 -10.08 -14.55 2.12
N THR A 258 -9.26 -13.88 2.90
CA THR A 258 -8.35 -12.83 2.41
C THR A 258 -6.90 -13.28 2.56
N TYR A 259 -6.05 -12.74 1.69
CA TYR A 259 -4.60 -12.92 1.80
C TYR A 259 -3.95 -11.54 1.85
N THR A 260 -2.82 -11.45 2.54
CA THR A 260 -2.14 -10.17 2.75
C THR A 260 -0.65 -10.22 2.44
N ALA A 261 -0.19 -9.17 1.77
CA ALA A 261 1.25 -8.95 1.57
C ALA A 261 1.74 -7.75 2.38
N ALA A 262 2.77 -7.98 3.17
CA ALA A 262 3.43 -6.91 3.95
C ALA A 262 4.91 -6.84 3.57
N TYR A 263 5.36 -5.66 3.20
CA TYR A 263 6.73 -5.50 2.70
C TYR A 263 7.29 -4.12 3.02
N SER A 264 8.57 -4.09 3.39
CA SER A 264 9.31 -2.81 3.43
C SER A 264 10.30 -2.75 2.27
N LEU A 265 10.01 -1.86 1.32
CA LEU A 265 10.85 -1.73 0.11
C LEU A 265 11.49 -0.34 0.05
N VAL A 266 12.79 -0.29 -0.25
CA VAL A 266 13.48 0.99 -0.44
C VAL A 266 14.43 0.97 -1.67
N GLY A 267 14.15 1.90 -2.60
CA GLY A 267 15.06 2.12 -3.75
C GLY A 267 14.59 3.23 -4.68
N ASN A 268 15.45 3.56 -5.63
CA ASN A 268 15.15 4.55 -6.69
C ASN A 268 14.78 3.87 -8.01
N GLY A 269 13.49 4.01 -8.35
CA GLY A 269 13.02 3.55 -9.68
C GLY A 269 11.51 3.37 -9.77
N ARG A 270 11.12 2.53 -10.72
CA ARG A 270 9.72 2.13 -10.98
C ARG A 270 9.59 0.63 -10.67
N PHE A 271 8.46 0.25 -10.12
CA PHE A 271 8.26 -1.11 -9.56
C PHE A 271 7.01 -1.83 -10.06
N SER A 272 7.11 -3.16 -10.09
CA SER A 272 6.04 -4.02 -10.61
C SER A 272 5.90 -5.26 -9.72
N THR A 273 4.72 -5.38 -9.13
CA THR A 273 4.40 -6.48 -8.20
C THR A 273 3.38 -7.39 -8.89
N GLY A 274 3.76 -8.66 -9.01
CA GLY A 274 2.89 -9.73 -9.51
C GLY A 274 2.21 -10.43 -8.33
N VAL A 275 0.91 -10.63 -8.50
CA VAL A 275 0.10 -11.29 -7.46
C VAL A 275 -0.74 -12.42 -8.06
N LYS A 276 -0.48 -13.63 -7.56
CA LYS A 276 -1.22 -14.81 -7.98
C LYS A 276 -1.99 -15.49 -6.85
N LEU A 277 -3.18 -15.94 -7.16
CA LEU A 277 -4.03 -16.79 -6.29
C LEU A 277 -4.24 -18.11 -7.06
N ASN A 278 -3.60 -19.17 -6.63
CA ASN A 278 -3.69 -20.45 -7.37
C ASN A 278 -3.22 -20.32 -8.79
N GLY A 279 -2.00 -19.76 -8.96
CA GLY A 279 -1.30 -19.67 -10.26
C GLY A 279 -1.96 -18.79 -11.34
N LYS A 280 -2.89 -17.93 -10.94
CA LYS A 280 -3.52 -16.97 -11.86
C LYS A 280 -3.41 -15.57 -11.26
N HIS A 281 -3.11 -14.60 -12.13
CA HIS A 281 -3.07 -13.17 -11.73
C HIS A 281 -4.47 -12.71 -11.30
N ILE A 282 -4.48 -11.85 -10.30
CA ILE A 282 -5.74 -11.25 -9.84
C ILE A 282 -6.07 -10.03 -10.72
N GLU A 283 -7.30 -9.56 -10.67
CA GLU A 283 -7.78 -8.40 -11.45
C GLU A 283 -6.85 -7.19 -11.29
N GLY A 284 -6.05 -7.00 -12.37
CA GLY A 284 -5.05 -5.90 -12.43
C GLY A 284 -3.67 -6.29 -11.89
N SER A 285 -3.21 -7.49 -12.22
CA SER A 285 -1.84 -7.91 -11.85
C SER A 285 -0.98 -8.20 -13.10
N PRO A 286 0.27 -7.71 -13.06
CA PRO A 286 0.90 -6.99 -11.94
C PRO A 286 0.33 -5.56 -11.83
N PHE A 287 0.71 -4.87 -10.77
CA PHE A 287 0.49 -3.42 -10.73
C PHE A 287 1.81 -2.65 -10.59
N LYS A 288 1.86 -1.55 -11.33
CA LYS A 288 3.08 -0.71 -11.40
C LYS A 288 2.95 0.48 -10.44
N GLN A 289 4.09 0.92 -9.94
CA GLN A 289 4.21 2.11 -9.08
C GLN A 289 5.65 2.66 -9.15
N VAL A 290 5.92 3.79 -8.50
CA VAL A 290 7.27 4.39 -8.54
C VAL A 290 7.61 5.11 -7.21
N LEU A 291 8.78 4.82 -6.67
CA LEU A 291 9.28 5.46 -5.44
C LEU A 291 10.77 5.84 -5.62
N GLY A 292 11.07 7.09 -5.23
CA GLY A 292 12.43 7.62 -5.24
C GLY A 292 12.61 8.40 -6.54
N ASN A 293 13.67 8.02 -7.27
CA ASN A 293 14.05 8.65 -8.56
C ASN A 293 15.08 7.76 -9.27
N PRO A 294 14.77 7.28 -10.49
CA PRO A 294 15.67 6.42 -11.29
C PRO A 294 17.04 7.03 -11.66
N GLY A 295 17.35 8.23 -11.12
CA GLY A 295 18.57 9.00 -11.42
C GLY A 295 19.72 8.72 -10.44
N LYS A 296 19.73 9.44 -9.31
CA LYS A 296 20.66 9.29 -8.19
C LYS A 296 20.82 7.85 -7.72
N LYS A 297 19.98 6.95 -8.14
CA LYS A 297 20.12 5.49 -8.13
C LYS A 297 21.53 5.04 -8.59
N ASN A 298 21.94 4.02 -7.82
CA ASN A 298 23.24 3.36 -7.86
C ASN A 298 23.39 2.66 -9.22
N PRO A 299 24.63 2.45 -9.64
CA PRO A 299 24.91 1.62 -10.82
C PRO A 299 25.01 0.14 -10.48
N GLU A 300 25.91 -0.22 -9.54
CA GLU A 300 26.16 -1.62 -9.08
C GLU A 300 24.93 -2.30 -8.43
N VAL A 301 23.75 -1.90 -8.84
CA VAL A 301 22.47 -2.47 -8.42
C VAL A 301 21.96 -3.37 -9.56
N LYS A 302 21.50 -4.54 -9.12
CA LYS A 302 20.80 -5.51 -9.98
C LYS A 302 19.31 -5.14 -9.96
N SER A 303 18.51 -5.78 -10.84
CA SER A 303 17.06 -5.68 -10.66
C SER A 303 16.37 -7.05 -10.48
N PHE A 304 16.55 -7.57 -9.26
CA PHE A 304 16.03 -8.86 -8.76
C PHE A 304 14.51 -8.94 -8.59
N THR A 305 14.08 -10.16 -8.29
CA THR A 305 12.67 -10.51 -8.11
C THR A 305 12.56 -11.32 -6.83
N THR A 306 11.95 -10.69 -5.83
CA THR A 306 11.66 -11.33 -4.54
C THR A 306 10.32 -12.07 -4.66
N THR A 307 10.26 -13.25 -4.05
CA THR A 307 9.05 -14.09 -4.04
C THR A 307 8.79 -14.63 -2.63
N ARG A 308 7.52 -14.61 -2.28
CA ARG A 308 6.99 -15.27 -1.06
C ARG A 308 5.68 -15.98 -1.40
N THR A 309 5.47 -17.14 -0.79
CA THR A 309 4.28 -17.98 -1.06
C THR A 309 3.61 -18.40 0.26
N ALA A 310 2.29 -18.53 0.21
CA ALA A 310 1.51 -19.04 1.36
C ALA A 310 0.87 -20.41 1.07
N ASN A 311 0.83 -21.24 2.10
CA ASN A 311 0.09 -22.52 2.13
C ASN A 311 -1.43 -22.27 2.07
N ALA B 3 -3.28 -84.32 -41.96
CA ALA B 3 -2.58 -83.06 -41.59
C ALA B 3 -1.22 -82.83 -42.28
N ASP B 4 -0.73 -81.59 -42.18
CA ASP B 4 0.52 -81.19 -42.85
C ASP B 4 1.11 -79.99 -42.10
N PRO B 5 2.44 -79.91 -42.14
CA PRO B 5 3.15 -78.88 -41.35
C PRO B 5 2.87 -77.48 -41.89
N GLU B 6 2.91 -77.36 -43.23
CA GLU B 6 2.84 -76.05 -43.90
C GLU B 6 1.46 -75.42 -44.00
N LYS B 7 0.45 -76.24 -44.22
CA LYS B 7 -0.89 -75.69 -44.47
C LYS B 7 -1.73 -75.55 -43.18
N SER B 8 -1.26 -76.11 -42.08
CA SER B 8 -1.95 -75.94 -40.79
C SER B 8 -1.20 -74.93 -39.91
N TYR B 9 -1.96 -74.22 -39.09
CA TYR B 9 -1.48 -72.97 -38.48
C TYR B 9 -2.08 -72.81 -37.07
N ALA B 10 -1.32 -72.15 -36.21
CA ALA B 10 -1.79 -71.82 -34.86
C ALA B 10 -2.18 -70.34 -34.75
N GLU B 11 -2.89 -70.01 -33.68
CA GLU B 11 -3.31 -68.62 -33.39
C GLU B 11 -3.79 -68.49 -31.95
N GLY B 12 -3.68 -67.27 -31.43
CA GLY B 12 -4.31 -66.96 -30.14
C GLY B 12 -3.50 -65.90 -29.39
N PRO B 13 -4.16 -65.21 -28.45
CA PRO B 13 -3.47 -64.43 -27.39
C PRO B 13 -2.36 -65.32 -26.77
N GLY B 14 -1.41 -64.72 -26.02
CA GLY B 14 -0.29 -65.55 -25.52
C GLY B 14 0.75 -66.01 -26.56
N LEU B 15 0.47 -66.09 -27.86
CA LEU B 15 1.54 -66.33 -28.84
C LEU B 15 1.94 -65.00 -29.52
N ASP B 16 1.50 -63.92 -28.88
CA ASP B 16 1.68 -62.52 -29.30
C ASP B 16 2.36 -61.66 -28.22
N GLY B 17 2.62 -62.21 -27.04
CA GLY B 17 3.16 -61.44 -25.90
C GLY B 17 2.65 -62.11 -24.62
N GLY B 18 3.28 -61.74 -23.47
CA GLY B 18 2.87 -62.40 -22.23
C GLY B 18 3.08 -61.51 -21.00
N GLU B 19 2.81 -62.09 -19.88
CA GLU B 19 2.95 -61.53 -18.52
C GLU B 19 3.61 -62.60 -17.64
N CYS B 20 3.80 -62.33 -16.38
CA CYS B 20 4.23 -63.34 -15.41
C CYS B 20 3.01 -63.76 -14.57
N PHE B 21 2.88 -65.04 -14.30
CA PHE B 21 1.73 -65.60 -13.54
C PHE B 21 0.36 -65.28 -14.22
N GLN B 22 0.38 -65.18 -15.54
CA GLN B 22 -0.84 -65.14 -16.36
C GLN B 22 -0.78 -66.33 -17.33
N PRO B 23 -1.94 -66.94 -17.64
CA PRO B 23 -1.93 -68.09 -18.56
C PRO B 23 -1.77 -67.62 -20.01
N SER B 24 -0.81 -68.23 -20.72
CA SER B 24 -0.64 -68.00 -22.16
C SER B 24 -1.43 -69.05 -22.94
N LYS B 25 -2.33 -68.59 -23.80
CA LYS B 25 -3.24 -69.51 -24.50
C LYS B 25 -3.22 -69.38 -26.02
N PHE B 26 -2.92 -70.47 -26.72
CA PHE B 26 -3.12 -70.50 -28.18
C PHE B 26 -3.72 -71.81 -28.71
N LYS B 27 -4.32 -71.71 -29.89
CA LYS B 27 -5.05 -72.83 -30.50
C LYS B 27 -4.44 -73.27 -31.84
N ILE B 28 -4.39 -74.58 -32.03
CA ILE B 28 -3.86 -75.17 -33.28
C ILE B 28 -5.01 -75.61 -34.19
N HIS B 29 -4.85 -75.38 -35.49
CA HIS B 29 -5.82 -75.82 -36.51
C HIS B 29 -5.13 -76.73 -37.52
N ALA B 30 -5.34 -78.03 -37.36
CA ALA B 30 -4.89 -79.00 -38.38
C ALA B 30 -5.68 -78.80 -39.68
N VAL B 31 -4.94 -78.77 -40.78
CA VAL B 31 -5.46 -78.65 -42.16
C VAL B 31 -4.79 -79.79 -42.98
N ASP B 32 -5.21 -80.01 -44.23
CA ASP B 32 -4.64 -81.10 -45.03
C ASP B 32 -4.03 -80.87 -46.44
N PRO B 33 -4.58 -80.02 -47.33
CA PRO B 33 -5.01 -78.60 -47.28
C PRO B 33 -6.53 -78.55 -47.04
N ASP B 34 -6.97 -77.56 -46.34
CA ASP B 34 -8.30 -77.29 -45.88
C ASP B 34 -9.06 -78.40 -45.25
N GLY B 35 -8.87 -78.62 -43.94
CA GLY B 35 -9.80 -79.49 -43.20
C GLY B 35 -9.38 -79.50 -41.73
N VAL B 36 -9.00 -80.74 -41.39
CA VAL B 36 -8.64 -81.22 -40.04
C VAL B 36 -7.70 -82.43 -40.27
N ASP B 40 -9.88 -86.76 -37.27
CA ASP B 40 -10.18 -85.52 -36.52
C ASP B 40 -9.67 -85.58 -35.10
N GLY B 41 -8.36 -85.45 -35.00
CA GLY B 41 -7.80 -85.65 -33.70
C GLY B 41 -6.40 -86.24 -33.84
N GLY B 42 -6.36 -87.25 -34.74
CA GLY B 42 -5.10 -88.05 -34.71
C GLY B 42 -4.46 -87.65 -33.35
N ASP B 43 -3.21 -87.32 -33.48
CA ASP B 43 -2.31 -86.57 -32.69
C ASP B 43 -1.04 -86.41 -33.53
N GLY B 44 -0.21 -85.46 -33.28
CA GLY B 44 1.11 -85.46 -33.94
C GLY B 44 1.96 -84.33 -33.46
N PHE B 45 1.24 -83.48 -32.74
CA PHE B 45 1.67 -82.15 -32.36
C PHE B 45 2.42 -82.27 -31.06
N VAL B 46 3.39 -81.38 -30.99
CA VAL B 46 4.29 -81.30 -29.82
C VAL B 46 4.79 -79.87 -29.66
N VAL B 47 4.91 -79.52 -28.41
CA VAL B 47 5.32 -78.16 -28.00
C VAL B 47 6.35 -78.28 -26.90
N THR B 48 7.29 -77.36 -26.92
CA THR B 48 8.20 -77.13 -25.80
C THR B 48 8.59 -75.65 -25.85
N ILE B 49 8.66 -75.08 -24.65
CA ILE B 49 9.05 -73.68 -24.48
C ILE B 49 10.49 -73.72 -23.96
N GLU B 50 11.33 -72.93 -24.58
CA GLU B 50 12.68 -72.69 -24.05
C GLU B 50 12.69 -71.23 -23.60
N GLY B 51 13.23 -71.00 -22.40
CA GLY B 51 13.24 -69.64 -21.86
C GLY B 51 14.20 -69.49 -20.69
N PRO B 52 14.27 -68.28 -20.15
CA PRO B 52 15.06 -68.00 -18.93
C PRO B 52 14.76 -68.94 -17.76
N ALA B 53 13.52 -69.44 -17.74
CA ALA B 53 13.09 -70.47 -16.78
C ALA B 53 12.49 -71.65 -17.57
N PRO B 54 12.53 -72.85 -16.95
CA PRO B 54 11.93 -74.04 -17.58
C PRO B 54 10.40 -74.02 -17.44
N VAL B 55 9.71 -74.39 -18.52
CA VAL B 55 8.23 -74.42 -18.50
C VAL B 55 7.72 -75.68 -19.21
N ASP B 56 6.57 -76.16 -18.71
CA ASP B 56 5.93 -77.38 -19.20
C ASP B 56 4.56 -77.04 -19.79
N PRO B 57 4.54 -76.99 -21.12
CA PRO B 57 3.24 -76.70 -21.74
C PRO B 57 2.27 -77.89 -21.66
N VAL B 58 1.12 -77.58 -21.08
CA VAL B 58 -0.05 -78.47 -21.10
C VAL B 58 -0.77 -78.27 -22.44
N MET B 59 -0.75 -79.34 -23.22
CA MET B 59 -1.53 -79.43 -24.45
C MET B 59 -2.80 -80.27 -24.23
N VAL B 60 -3.94 -79.61 -24.42
CA VAL B 60 -5.21 -80.35 -24.49
C VAL B 60 -5.62 -80.66 -25.94
N ASP B 61 -5.23 -81.86 -26.34
CA ASP B 61 -5.72 -82.53 -27.57
C ASP B 61 -7.27 -82.30 -27.65
N ASN B 62 -7.85 -82.54 -28.78
CA ASN B 62 -9.05 -82.09 -29.41
C ASN B 62 -10.10 -83.11 -29.76
N GLY B 63 -11.31 -82.55 -29.82
CA GLY B 63 -12.48 -83.14 -30.51
C GLY B 63 -12.19 -82.99 -32.02
N ASP B 64 -12.92 -82.08 -32.72
CA ASP B 64 -12.54 -81.67 -34.09
C ASP B 64 -11.04 -81.36 -34.17
N GLY B 65 -10.50 -81.14 -35.38
CA GLY B 65 -9.06 -80.90 -35.60
C GLY B 65 -8.44 -79.63 -34.99
N THR B 66 -8.81 -79.27 -33.77
CA THR B 66 -8.20 -78.14 -33.05
C THR B 66 -7.40 -78.62 -31.84
N TYR B 67 -6.52 -77.76 -31.39
CA TYR B 67 -5.75 -78.13 -30.19
C TYR B 67 -5.80 -76.95 -29.24
N ASP B 68 -5.72 -77.25 -27.96
CA ASP B 68 -5.64 -76.15 -27.00
C ASP B 68 -4.35 -76.24 -26.20
N VAL B 69 -3.46 -75.28 -26.36
CA VAL B 69 -2.24 -75.31 -25.53
C VAL B 69 -2.14 -74.07 -24.63
N GLU B 70 -1.83 -74.32 -23.37
CA GLU B 70 -1.58 -73.29 -22.34
C GLU B 70 -0.22 -73.57 -21.70
N PHE B 71 0.43 -72.51 -21.17
CA PHE B 71 1.69 -72.76 -20.39
C PHE B 71 2.06 -71.51 -19.69
N GLU B 72 1.95 -71.34 -18.35
CA GLU B 72 1.94 -69.84 -18.03
C GLU B 72 3.43 -69.58 -17.66
N PRO B 73 3.80 -68.31 -18.22
CA PRO B 73 5.28 -68.11 -17.92
C PRO B 73 5.57 -67.58 -16.52
N LYS B 74 6.44 -68.37 -15.83
CA LYS B 74 6.77 -68.22 -14.41
C LYS B 74 7.82 -67.13 -14.10
N GLU B 75 8.99 -67.15 -14.74
CA GLU B 75 9.93 -66.04 -14.57
C GLU B 75 10.06 -65.34 -15.94
N ALA B 76 10.61 -64.13 -15.97
CA ALA B 76 10.43 -63.36 -17.20
C ALA B 76 11.57 -62.65 -17.91
N GLY B 77 11.32 -62.86 -19.23
CA GLY B 77 11.79 -62.11 -20.37
C GLY B 77 11.27 -62.87 -21.59
N ASP B 78 12.26 -63.32 -22.33
CA ASP B 78 12.09 -63.87 -23.68
C ASP B 78 12.01 -65.39 -23.77
N TYR B 79 10.96 -65.87 -24.44
CA TYR B 79 10.67 -67.31 -24.54
C TYR B 79 10.50 -67.77 -25.99
N VAL B 80 11.07 -68.91 -26.31
CA VAL B 80 10.96 -69.52 -27.66
C VAL B 80 9.92 -70.66 -27.64
N ILE B 81 9.07 -70.66 -28.65
CA ILE B 81 7.94 -71.63 -28.74
C ILE B 81 8.13 -72.51 -29.98
N ASN B 82 8.57 -73.74 -29.80
CA ASN B 82 8.66 -74.70 -30.93
C ASN B 82 7.30 -75.35 -31.24
N LEU B 83 7.18 -75.93 -32.44
CA LEU B 83 5.94 -76.63 -32.80
C LEU B 83 6.09 -77.62 -33.97
N THR B 84 6.76 -78.73 -33.70
CA THR B 84 6.85 -79.83 -34.67
C THR B 84 5.55 -80.65 -34.72
N LEU B 85 5.38 -81.35 -35.85
CA LEU B 85 4.27 -82.28 -36.12
C LEU B 85 4.99 -83.54 -36.59
N ASP B 86 4.97 -84.61 -35.77
CA ASP B 86 5.80 -85.80 -36.04
C ASP B 86 7.33 -85.52 -36.14
N GLY B 87 7.77 -84.34 -35.63
CA GLY B 87 9.19 -83.92 -35.72
C GLY B 87 9.41 -82.98 -36.91
N ASP B 88 8.61 -81.93 -36.96
CA ASP B 88 8.46 -81.11 -38.18
C ASP B 88 7.78 -79.76 -37.97
N ASN B 89 8.60 -78.73 -37.74
CA ASN B 89 8.14 -77.35 -37.49
C ASN B 89 6.92 -76.98 -38.34
N VAL B 90 5.92 -76.44 -37.66
CA VAL B 90 4.65 -76.08 -38.30
C VAL B 90 4.85 -74.66 -38.82
N ASN B 91 4.04 -74.30 -39.82
CA ASN B 91 4.19 -73.06 -40.61
C ASN B 91 4.12 -71.71 -39.86
N GLY B 92 4.64 -71.63 -38.66
CA GLY B 92 4.91 -70.33 -38.03
C GLY B 92 5.99 -70.39 -36.95
N PHE B 93 6.80 -71.45 -36.98
CA PHE B 93 7.64 -71.80 -35.83
C PHE B 93 9.11 -72.12 -36.18
N PRO B 94 9.96 -72.03 -35.16
CA PRO B 94 9.64 -71.64 -33.77
C PRO B 94 9.29 -70.15 -33.73
N LYS B 95 8.68 -69.70 -32.64
CA LYS B 95 8.27 -68.29 -32.50
C LYS B 95 8.83 -67.70 -31.20
N THR B 96 8.82 -66.37 -31.12
CA THR B 96 9.49 -65.65 -30.03
C THR B 96 8.51 -64.71 -29.37
N VAL B 97 8.44 -64.80 -28.05
CA VAL B 97 7.46 -64.05 -27.27
C VAL B 97 8.15 -63.46 -26.05
N THR B 98 7.77 -62.23 -25.71
CA THR B 98 8.38 -61.54 -24.58
C THR B 98 7.36 -61.44 -23.44
N VAL B 99 7.61 -62.24 -22.42
CA VAL B 99 6.86 -62.15 -21.16
C VAL B 99 7.48 -61.00 -20.40
N LYS B 100 6.61 -60.05 -20.06
CA LYS B 100 7.03 -58.91 -19.25
C LYS B 100 6.66 -59.15 -17.77
N PRO B 101 7.32 -58.39 -16.89
CA PRO B 101 7.09 -58.57 -15.44
C PRO B 101 5.62 -58.26 -15.09
N ALA B 102 5.14 -58.87 -14.01
CA ALA B 102 3.75 -58.71 -13.56
C ALA B 102 3.63 -57.54 -12.57
N PRO B 103 2.81 -56.54 -12.90
CA PRO B 103 2.52 -55.44 -11.96
C PRO B 103 1.96 -56.00 -10.64
N SER B 104 2.36 -55.39 -9.54
CA SER B 104 1.90 -55.83 -8.21
C SER B 104 1.09 -54.71 -7.57
N ALA B 105 -0.01 -55.11 -6.96
CA ALA B 105 -0.90 -54.18 -6.25
C ALA B 105 -0.40 -53.81 -4.84
N GLU B 106 0.64 -54.48 -4.35
CA GLU B 106 1.17 -54.18 -3.01
C GLU B 106 2.43 -53.33 -3.14
N HIS B 107 2.96 -53.22 -4.34
CA HIS B 107 4.21 -52.48 -4.57
C HIS B 107 4.04 -51.25 -5.47
N SER B 108 2.99 -51.21 -6.29
CA SER B 108 2.67 -50.01 -7.08
C SER B 108 1.94 -49.05 -6.13
N TYR B 109 2.13 -47.77 -6.37
CA TYR B 109 1.67 -46.71 -5.46
C TYR B 109 1.38 -45.48 -6.31
N ALA B 110 0.71 -44.52 -5.71
CA ALA B 110 0.34 -43.29 -6.43
C ALA B 110 0.82 -42.05 -5.68
N GLU B 111 1.19 -41.04 -6.42
CA GLU B 111 1.53 -39.74 -5.84
C GLU B 111 1.03 -38.59 -6.71
N GLY B 112 0.68 -37.51 -6.02
CA GLY B 112 0.27 -36.26 -6.68
C GLY B 112 -0.51 -35.44 -5.66
N GLU B 113 -0.54 -34.14 -5.93
CA GLU B 113 -1.31 -33.23 -5.05
C GLU B 113 -2.80 -33.54 -4.99
N GLY B 114 -3.31 -34.21 -6.05
CA GLY B 114 -4.68 -34.74 -6.12
C GLY B 114 -4.97 -35.94 -5.19
N LEU B 115 -3.99 -36.36 -4.41
CA LEU B 115 -4.25 -37.33 -3.33
C LEU B 115 -4.17 -36.63 -1.99
N VAL B 116 -3.61 -35.42 -2.01
CA VAL B 116 -3.36 -34.64 -0.79
C VAL B 116 -4.49 -33.68 -0.50
N LYS B 117 -4.67 -32.70 -1.38
CA LYS B 117 -5.49 -31.51 -1.22
C LYS B 117 -6.04 -31.10 -2.59
N VAL B 118 -7.34 -30.89 -2.61
CA VAL B 118 -8.03 -30.66 -3.88
C VAL B 118 -8.85 -29.36 -3.76
N PHE B 119 -8.98 -28.66 -4.88
CA PHE B 119 -9.86 -27.48 -4.92
C PHE B 119 -11.13 -27.81 -5.71
N ASP B 120 -12.22 -27.13 -5.35
CA ASP B 120 -13.50 -27.38 -6.01
C ASP B 120 -13.54 -26.61 -7.33
N ASN B 121 -12.50 -25.88 -7.71
CA ASN B 121 -12.57 -25.03 -8.91
C ASN B 121 -11.47 -25.31 -9.94
N ALA B 122 -10.74 -26.42 -9.72
CA ALA B 122 -9.68 -26.82 -10.65
C ALA B 122 -9.52 -28.35 -10.70
N PRO B 123 -9.03 -28.82 -11.86
CA PRO B 123 -8.82 -30.28 -12.02
C PRO B 123 -7.73 -30.77 -11.07
N ALA B 124 -7.96 -31.94 -10.49
CA ALA B 124 -6.99 -32.58 -9.57
C ALA B 124 -6.22 -33.64 -10.35
N GLU B 125 -4.94 -33.75 -10.04
CA GLU B 125 -4.06 -34.66 -10.78
C GLU B 125 -3.13 -35.39 -9.82
N PHE B 126 -2.93 -36.66 -10.14
CA PHE B 126 -1.84 -37.44 -9.55
C PHE B 126 -1.36 -38.47 -10.57
N THR B 127 -0.28 -39.16 -10.24
CA THR B 127 0.28 -40.21 -11.10
C THR B 127 0.28 -41.56 -10.35
N ILE B 128 0.00 -42.60 -11.13
CA ILE B 128 0.22 -44.00 -10.67
C ILE B 128 1.63 -44.45 -11.10
N PHE B 129 2.28 -45.18 -10.21
CA PHE B 129 3.61 -45.77 -10.47
C PHE B 129 3.55 -47.29 -10.35
N ALA B 130 3.44 -47.94 -11.50
CA ALA B 130 3.36 -49.41 -11.55
C ALA B 130 4.71 -50.01 -11.13
N VAL B 131 4.64 -50.94 -10.21
CA VAL B 131 5.80 -51.67 -9.70
C VAL B 131 5.48 -53.15 -9.87
N ASP B 132 6.50 -53.90 -10.22
CA ASP B 132 6.27 -55.31 -10.58
C ASP B 132 6.25 -56.16 -9.30
N THR B 133 5.96 -57.43 -9.48
CA THR B 133 5.86 -58.39 -8.35
C THR B 133 7.21 -58.56 -7.62
N LYS B 134 8.28 -58.30 -8.33
CA LYS B 134 9.65 -58.38 -7.77
C LYS B 134 10.07 -57.12 -7.01
N GLY B 135 9.21 -56.10 -7.00
CA GLY B 135 9.52 -54.78 -6.39
C GLY B 135 10.40 -53.87 -7.26
N VAL B 136 10.41 -54.10 -8.58
CA VAL B 136 11.15 -53.26 -9.54
C VAL B 136 10.10 -52.44 -10.29
N ALA B 137 10.34 -51.14 -10.44
CA ALA B 137 9.41 -50.26 -11.16
C ALA B 137 9.15 -50.79 -12.57
N ARG B 138 7.88 -50.91 -12.92
CA ARG B 138 7.53 -51.36 -14.27
C ARG B 138 8.13 -50.36 -15.25
N THR B 139 8.32 -50.89 -16.45
CA THR B 139 9.12 -50.12 -17.41
C THR B 139 8.18 -49.39 -18.36
N ASP B 140 7.25 -50.20 -18.85
CA ASP B 140 6.28 -49.81 -19.88
C ASP B 140 4.86 -50.12 -19.39
N GLY B 141 3.86 -49.79 -20.24
CA GLY B 141 2.46 -49.85 -19.81
C GLY B 141 1.71 -51.11 -20.28
N GLY B 142 0.41 -50.92 -20.52
CA GLY B 142 -0.48 -52.04 -20.87
C GLY B 142 -0.97 -52.75 -19.60
N ASP B 143 -0.83 -52.07 -18.47
CA ASP B 143 -1.31 -52.59 -17.20
C ASP B 143 -2.72 -52.05 -16.91
N PRO B 144 -3.56 -52.94 -16.41
CA PRO B 144 -4.98 -52.61 -16.23
C PRO B 144 -5.29 -52.05 -14.82
N PHE B 145 -4.64 -50.95 -14.47
CA PHE B 145 -5.01 -50.15 -13.28
C PHE B 145 -6.29 -49.36 -13.56
N GLU B 146 -7.11 -49.32 -12.52
CA GLU B 146 -8.46 -48.73 -12.52
C GLU B 146 -8.57 -47.72 -11.37
N VAL B 147 -9.57 -46.85 -11.47
CA VAL B 147 -9.69 -45.74 -10.51
C VAL B 147 -11.18 -45.51 -10.19
N ALA B 148 -11.54 -45.78 -8.93
CA ALA B 148 -12.92 -45.48 -8.52
C ALA B 148 -12.92 -44.34 -7.50
N ILE B 149 -13.53 -43.22 -7.91
CA ILE B 149 -13.65 -42.08 -6.98
C ILE B 149 -15.13 -41.82 -6.65
N ASN B 150 -15.36 -41.70 -5.34
CA ASN B 150 -16.68 -41.30 -4.83
C ASN B 150 -16.61 -39.91 -4.19
N GLY B 151 -17.67 -39.12 -4.46
CA GLY B 151 -17.74 -37.74 -3.95
C GLY B 151 -18.65 -37.53 -2.74
N PRO B 152 -19.06 -36.33 -2.55
CA PRO B 152 -19.71 -36.19 -1.23
C PRO B 152 -21.19 -36.59 -1.07
N ASP B 153 -22.15 -36.51 -1.99
CA ASP B 153 -23.43 -37.15 -1.61
C ASP B 153 -23.61 -38.51 -2.25
N GLY B 154 -22.52 -39.27 -2.19
CA GLY B 154 -22.43 -40.58 -2.86
C GLY B 154 -22.57 -40.49 -4.39
N LEU B 155 -22.24 -39.27 -4.87
CA LEU B 155 -21.80 -38.92 -6.23
C LEU B 155 -20.54 -39.72 -6.60
N VAL B 156 -20.43 -39.80 -7.91
CA VAL B 156 -19.48 -40.59 -8.71
C VAL B 156 -18.69 -39.63 -9.62
N VAL B 157 -17.38 -39.67 -9.44
CA VAL B 157 -16.52 -38.85 -10.31
C VAL B 157 -15.76 -39.80 -11.25
N ASP B 158 -15.94 -39.57 -12.57
CA ASP B 158 -15.12 -40.33 -13.53
C ASP B 158 -13.73 -39.68 -13.54
N ALA B 159 -12.71 -40.53 -13.43
CA ALA B 159 -11.32 -40.09 -13.53
C ALA B 159 -10.85 -40.49 -14.94
N LYS B 160 -9.95 -39.70 -15.48
CA LYS B 160 -9.38 -40.00 -16.79
C LYS B 160 -7.91 -40.41 -16.63
N VAL B 161 -7.70 -41.69 -16.90
CA VAL B 161 -6.38 -42.31 -16.74
C VAL B 161 -5.70 -42.29 -18.10
N THR B 162 -4.46 -41.84 -18.07
CA THR B 162 -3.61 -41.83 -19.28
C THR B 162 -2.47 -42.82 -19.04
N ASP B 163 -1.96 -43.40 -20.13
CA ASP B 163 -0.83 -44.33 -20.04
C ASP B 163 0.45 -43.66 -20.56
N ASN B 164 1.17 -43.16 -19.59
CA ASN B 164 2.55 -42.72 -19.83
C ASN B 164 3.27 -44.03 -20.20
N ASN B 165 3.95 -43.99 -21.36
CA ASN B 165 4.47 -45.23 -21.98
C ASN B 165 5.82 -45.65 -21.39
N ASP B 166 5.77 -45.54 -20.07
CA ASP B 166 6.92 -45.75 -19.19
C ASP B 166 6.68 -46.49 -17.86
N GLY B 167 5.48 -47.02 -17.57
CA GLY B 167 5.29 -47.68 -16.24
C GLY B 167 4.47 -46.80 -15.29
N THR B 168 4.17 -45.59 -15.74
CA THR B 168 3.35 -44.63 -14.99
C THR B 168 2.09 -44.29 -15.80
N TYR B 169 1.10 -43.80 -15.09
CA TYR B 169 -0.21 -43.46 -15.70
C TYR B 169 -0.72 -42.20 -15.01
N GLY B 170 -0.87 -41.15 -15.80
CA GLY B 170 -1.41 -39.86 -15.31
C GLY B 170 -2.93 -39.93 -15.09
N VAL B 171 -3.42 -39.27 -14.05
CA VAL B 171 -4.85 -39.26 -13.69
C VAL B 171 -5.30 -37.82 -13.47
N VAL B 172 -6.53 -37.53 -13.91
CA VAL B 172 -7.18 -36.23 -13.69
C VAL B 172 -8.62 -36.52 -13.28
N TYR B 173 -9.16 -35.67 -12.43
CA TYR B 173 -10.58 -35.75 -12.06
C TYR B 173 -11.07 -34.37 -11.64
N ASP B 174 -12.39 -34.27 -11.48
CA ASP B 174 -13.01 -33.02 -11.05
C ASP B 174 -13.71 -33.29 -9.74
N ALA B 175 -13.25 -32.65 -8.68
CA ALA B 175 -13.98 -32.69 -7.40
C ALA B 175 -14.78 -31.38 -7.23
N PRO B 176 -15.89 -31.28 -7.98
CA PRO B 176 -16.59 -29.99 -8.16
C PRO B 176 -17.19 -29.37 -6.89
N VAL B 177 -17.45 -30.16 -5.85
CA VAL B 177 -18.00 -29.61 -4.59
C VAL B 177 -17.00 -29.92 -3.46
N GLU B 178 -16.90 -29.01 -2.51
CA GLU B 178 -16.18 -29.31 -1.26
C GLU B 178 -16.75 -30.54 -0.55
N GLY B 179 -15.99 -31.06 0.42
CA GLY B 179 -16.32 -32.33 1.09
C GLY B 179 -15.16 -33.32 1.00
N ASN B 180 -15.47 -34.60 1.03
CA ASN B 180 -14.45 -35.66 0.97
C ASN B 180 -14.66 -36.55 -0.26
N TYR B 181 -13.56 -37.13 -0.71
CA TYR B 181 -13.48 -37.88 -1.97
C TYR B 181 -12.66 -39.16 -1.77
N ASN B 182 -13.38 -40.29 -1.83
CA ASN B 182 -12.74 -41.60 -1.66
C ASN B 182 -12.07 -42.03 -2.97
N VAL B 183 -10.76 -41.93 -2.98
CA VAL B 183 -9.96 -42.32 -4.15
C VAL B 183 -9.43 -43.73 -3.92
N ASN B 184 -9.82 -44.60 -4.83
CA ASN B 184 -9.38 -46.00 -4.78
C ASN B 184 -8.84 -46.39 -6.16
N VAL B 185 -7.58 -46.79 -6.19
CA VAL B 185 -6.95 -47.26 -7.43
C VAL B 185 -6.80 -48.78 -7.28
N THR B 186 -7.19 -49.50 -8.31
CA THR B 186 -7.12 -50.98 -8.28
C THR B 186 -6.36 -51.61 -9.45
N LEU B 187 -5.91 -52.83 -9.23
CA LEU B 187 -5.30 -53.63 -10.29
C LEU B 187 -5.88 -55.01 -10.35
N ARG B 188 -6.84 -55.29 -11.20
CA ARG B 188 -7.42 -56.66 -11.23
C ARG B 188 -7.90 -57.04 -9.82
N GLY B 189 -8.52 -55.95 -9.30
CA GLY B 189 -9.55 -55.93 -8.26
C GLY B 189 -8.92 -55.59 -6.90
N ASN B 190 -7.58 -55.64 -6.83
CA ASN B 190 -6.91 -55.40 -5.54
C ASN B 190 -6.41 -53.95 -5.48
N PRO B 191 -6.81 -53.28 -4.39
CA PRO B 191 -6.37 -51.91 -4.14
C PRO B 191 -4.85 -51.90 -4.04
N ILE B 192 -4.25 -50.98 -4.78
CA ILE B 192 -2.78 -50.84 -4.72
C ILE B 192 -2.40 -50.27 -3.34
N LYS B 193 -1.10 -50.09 -3.11
CA LYS B 193 -0.62 -49.72 -1.78
C LYS B 193 -1.26 -48.39 -1.37
N ASN B 194 -1.61 -48.36 -0.11
CA ASN B 194 -2.22 -47.19 0.56
C ASN B 194 -3.56 -46.77 -0.09
N MET B 195 -4.31 -47.75 -0.63
CA MET B 195 -5.66 -47.43 -1.12
C MET B 195 -6.77 -48.26 -0.42
N PRO B 196 -7.94 -47.63 -0.24
CA PRO B 196 -8.32 -46.31 -0.76
C PRO B 196 -7.80 -45.20 0.15
N ILE B 197 -7.93 -43.99 -0.33
CA ILE B 197 -7.48 -42.78 0.37
C ILE B 197 -8.64 -41.78 0.41
N ASP B 198 -8.79 -41.12 1.54
CA ASP B 198 -9.70 -39.97 1.66
C ASP B 198 -8.95 -38.67 1.37
N VAL B 199 -9.50 -37.90 0.45
CA VAL B 199 -8.92 -36.60 0.08
C VAL B 199 -9.96 -35.52 0.39
N LYS B 200 -9.49 -34.51 1.13
CA LYS B 200 -10.31 -33.33 1.39
C LYS B 200 -10.17 -32.33 0.22
N CYS B 201 -11.30 -32.03 -0.41
CA CYS B 201 -11.39 -30.92 -1.39
C CYS B 201 -11.97 -29.69 -0.68
N ILE B 202 -11.37 -28.55 -0.99
CA ILE B 202 -11.72 -27.26 -0.38
C ILE B 202 -12.24 -26.32 -1.47
N GLU B 203 -12.91 -25.26 -1.04
CA GLU B 203 -13.38 -24.22 -1.98
C GLU B 203 -12.14 -23.50 -2.52
N GLY B 204 -12.03 -23.41 -3.85
CA GLY B 204 -10.86 -22.80 -4.48
C GLY B 204 -11.10 -21.30 -4.76
N ALA B 205 -10.06 -20.51 -4.56
CA ALA B 205 -10.08 -19.09 -4.96
C ALA B 205 -9.92 -19.04 -6.48
N ASN B 206 -10.59 -18.11 -7.10
CA ASN B 206 -10.56 -17.90 -8.56
C ASN B 206 -9.78 -16.61 -8.81
N GLY B 207 -8.46 -16.77 -8.86
CA GLY B 207 -7.47 -15.68 -9.00
C GLY B 207 -7.82 -14.62 -10.06
N GLU B 208 -8.09 -15.07 -11.29
CA GLU B 208 -8.40 -14.13 -12.39
C GLU B 208 -9.58 -13.19 -12.10
N ASP B 209 -10.50 -13.67 -11.26
CA ASP B 209 -11.69 -12.90 -10.86
C ASP B 209 -11.61 -12.21 -9.50
N SER B 210 -10.45 -12.32 -8.85
CA SER B 210 -10.23 -11.73 -7.52
C SER B 210 -9.52 -10.39 -7.68
N SER B 211 -9.41 -9.61 -6.61
CA SER B 211 -8.83 -8.26 -6.69
C SER B 211 -8.43 -7.71 -5.32
N PHE B 212 -8.09 -6.42 -5.28
CA PHE B 212 -7.65 -5.79 -4.04
C PHE B 212 -8.82 -5.16 -3.30
N GLY B 213 -8.71 -5.29 -1.98
CA GLY B 213 -9.74 -4.73 -1.08
C GLY B 213 -9.26 -3.39 -0.53
N SER B 214 -8.21 -3.52 0.28
CA SER B 214 -7.64 -2.41 1.06
C SER B 214 -6.12 -2.34 0.80
N PHE B 215 -5.55 -1.28 1.36
CA PHE B 215 -4.16 -0.87 1.15
C PHE B 215 -3.75 -0.10 2.40
N THR B 216 -2.45 -0.15 2.69
CA THR B 216 -1.92 0.62 3.83
C THR B 216 -0.44 0.90 3.56
N PHE B 217 -0.01 2.03 4.10
CA PHE B 217 1.44 2.32 4.10
C PHE B 217 1.69 3.21 5.32
N THR B 218 2.90 3.13 5.83
CA THR B 218 3.16 3.79 7.12
C THR B 218 4.53 4.44 7.12
N VAL B 219 4.52 5.74 7.27
CA VAL B 219 5.77 6.52 7.22
C VAL B 219 6.32 6.71 8.64
N ALA B 220 7.63 6.53 8.76
CA ALA B 220 8.37 6.84 9.99
C ALA B 220 8.80 8.32 9.96
N ALA B 221 8.03 9.17 10.65
CA ALA B 221 8.38 10.60 10.73
C ALA B 221 9.77 10.77 11.36
N LYS B 222 10.54 11.69 10.80
CA LYS B 222 11.84 12.07 11.36
C LYS B 222 11.87 13.56 11.67
N ASN B 223 12.57 13.93 12.73
CA ASN B 223 12.77 15.35 13.08
C ASN B 223 13.98 15.93 12.31
N LYS B 224 14.36 17.14 12.72
CA LYS B 224 15.47 17.88 12.10
C LYS B 224 16.86 17.33 12.40
N LYS B 225 17.04 16.76 13.59
CA LYS B 225 18.35 16.20 13.98
C LYS B 225 18.66 14.88 13.25
N GLY B 226 17.89 14.54 12.20
CA GLY B 226 18.09 13.30 11.41
C GLY B 226 17.56 12.02 12.08
N GLU B 227 17.11 12.14 13.33
CA GLU B 227 16.53 11.01 14.09
C GLU B 227 15.05 10.77 13.76
N VAL B 228 14.55 9.64 14.24
CA VAL B 228 13.11 9.31 14.18
C VAL B 228 12.44 9.89 15.44
N LYS B 229 11.21 10.36 15.23
CA LYS B 229 10.34 10.81 16.33
C LYS B 229 9.85 9.64 17.21
N THR B 230 9.34 9.99 18.39
CA THR B 230 8.78 8.98 19.31
C THR B 230 7.39 9.38 19.84
N TYR B 231 6.72 10.29 19.15
CA TYR B 231 5.29 10.57 19.33
C TYR B 231 4.74 11.31 18.09
N GLY B 232 3.48 11.72 18.15
CA GLY B 232 2.80 12.32 16.99
C GLY B 232 2.86 13.84 17.08
N GLY B 233 1.70 14.46 16.91
CA GLY B 233 1.57 15.92 16.98
C GLY B 233 1.51 16.59 15.60
N ASP B 234 2.17 15.98 14.63
CA ASP B 234 2.30 16.54 13.27
C ASP B 234 1.03 16.44 12.44
N LYS B 235 0.79 17.47 11.64
CA LYS B 235 -0.29 17.46 10.63
C LYS B 235 0.13 16.48 9.53
N PHE B 236 -0.66 15.43 9.37
CA PHE B 236 -0.37 14.36 8.40
C PHE B 236 -1.52 14.28 7.43
N GLU B 237 -1.24 14.51 6.16
CA GLU B 237 -2.31 14.66 5.16
C GLU B 237 -2.16 13.68 3.99
N VAL B 238 -3.29 13.11 3.62
CA VAL B 238 -3.33 12.08 2.58
C VAL B 238 -4.33 12.46 1.50
N SER B 239 -3.84 12.49 0.27
CA SER B 239 -4.68 12.85 -0.89
C SER B 239 -4.52 11.88 -2.06
N ILE B 240 -5.66 11.34 -2.48
CA ILE B 240 -5.70 10.38 -3.62
C ILE B 240 -6.39 11.04 -4.82
N THR B 241 -5.75 11.00 -5.99
CA THR B 241 -6.29 11.55 -7.25
C THR B 241 -6.43 10.47 -8.33
N GLY B 242 -7.65 10.41 -8.86
CA GLY B 242 -7.88 9.55 -10.04
C GLY B 242 -9.37 9.28 -10.29
N PRO B 243 -9.61 8.54 -11.38
CA PRO B 243 -10.97 8.05 -11.69
C PRO B 243 -11.47 6.98 -10.70
N ALA B 244 -11.77 7.41 -9.46
CA ALA B 244 -12.23 6.51 -8.39
C ALA B 244 -13.74 6.25 -8.52
N GLU B 245 -14.08 4.98 -8.69
CA GLU B 245 -15.48 4.52 -8.74
C GLU B 245 -16.07 4.27 -7.34
N GLU B 246 -15.19 4.04 -6.36
CA GLU B 246 -15.52 3.88 -4.93
C GLU B 246 -14.21 4.00 -4.15
N ILE B 247 -14.33 4.51 -2.93
CA ILE B 247 -13.13 4.83 -2.13
C ILE B 247 -13.44 5.23 -0.68
N THR B 248 -12.50 4.88 0.19
CA THR B 248 -12.50 5.27 1.60
C THR B 248 -11.03 5.39 2.02
N LEU B 249 -10.73 6.39 2.84
CA LEU B 249 -9.35 6.74 3.22
C LEU B 249 -9.30 7.05 4.72
N ASP B 250 -8.11 6.93 5.29
CA ASP B 250 -7.92 7.20 6.73
C ASP B 250 -6.46 7.54 7.02
N ALA B 251 -6.28 8.75 7.55
CA ALA B 251 -4.95 9.21 8.01
C ALA B 251 -4.92 9.14 9.54
N ILE B 252 -3.97 8.35 10.03
CA ILE B 252 -3.90 7.89 11.43
C ILE B 252 -2.54 8.30 11.97
N ASP B 253 -2.58 8.93 13.12
CA ASP B 253 -1.35 9.13 13.87
C ASP B 253 -1.32 8.02 14.92
N ASN B 254 -0.46 7.05 14.70
CA ASN B 254 -0.23 5.97 15.70
C ASN B 254 0.39 6.52 17.00
N GLN B 255 0.35 7.84 17.19
CA GLN B 255 0.88 8.62 18.32
C GLN B 255 2.15 7.99 18.90
N ASP B 256 3.03 7.64 17.96
CA ASP B 256 4.37 7.15 18.33
C ASP B 256 5.42 7.52 17.25
N GLY B 257 5.07 8.56 16.49
CA GLY B 257 5.96 9.07 15.41
C GLY B 257 5.92 8.22 14.15
N THR B 258 4.77 7.58 13.97
CA THR B 258 4.39 6.78 12.80
C THR B 258 2.98 7.20 12.37
N TYR B 259 2.80 7.23 11.06
CA TYR B 259 1.49 7.62 10.51
C TYR B 259 1.08 6.56 9.50
N THR B 260 -0.21 6.29 9.45
CA THR B 260 -0.71 5.26 8.55
C THR B 260 -1.88 5.79 7.71
N ALA B 261 -1.86 5.37 6.46
CA ALA B 261 -2.98 5.57 5.54
C ALA B 261 -3.56 4.20 5.17
N ALA B 262 -4.82 3.99 5.50
CA ALA B 262 -5.54 2.77 5.07
C ALA B 262 -6.67 3.15 4.10
N TYR B 263 -6.55 2.67 2.87
CA TYR B 263 -7.56 3.02 1.86
C TYR B 263 -8.00 1.85 1.00
N SER B 264 -9.25 1.95 0.59
CA SER B 264 -9.85 1.00 -0.36
C SER B 264 -10.23 1.74 -1.63
N LEU B 265 -9.61 1.32 -2.72
CA LEU B 265 -9.84 1.98 -4.01
C LEU B 265 -10.41 1.00 -5.04
N VAL B 266 -11.44 1.48 -5.74
CA VAL B 266 -11.94 0.78 -6.94
C VAL B 266 -11.96 1.82 -8.06
N GLY B 267 -11.16 1.54 -9.10
CA GLY B 267 -11.04 2.54 -10.18
C GLY B 267 -10.43 2.01 -11.47
N ASN B 268 -10.61 2.83 -12.49
CA ASN B 268 -10.14 2.45 -13.83
C ASN B 268 -9.29 3.53 -14.50
N GLY B 269 -8.03 3.56 -14.08
CA GLY B 269 -7.05 4.48 -14.65
C GLY B 269 -5.67 4.45 -13.96
N ARG B 270 -5.04 5.62 -13.99
CA ARG B 270 -3.73 5.81 -13.36
C ARG B 270 -3.96 6.71 -12.14
N PHE B 271 -3.24 6.43 -11.08
CA PHE B 271 -3.46 7.09 -9.78
C PHE B 271 -2.16 7.63 -9.21
N SER B 272 -2.24 8.80 -8.57
CA SER B 272 -1.13 9.27 -7.72
C SER B 272 -1.66 9.70 -6.35
N THR B 273 -0.77 9.62 -5.36
CA THR B 273 -1.13 9.85 -3.95
C THR B 273 -0.10 10.80 -3.31
N GLY B 274 -0.61 11.92 -2.80
CA GLY B 274 0.22 12.92 -2.10
C GLY B 274 0.18 12.74 -0.58
N VAL B 275 1.37 12.69 0.03
CA VAL B 275 1.55 12.46 1.47
C VAL B 275 2.39 13.60 2.08
N LYS B 276 1.73 14.44 2.87
CA LYS B 276 2.37 15.62 3.49
C LYS B 276 2.50 15.52 5.02
N LEU B 277 3.75 15.41 5.48
CA LEU B 277 4.13 15.62 6.89
C LEU B 277 4.54 17.08 7.07
N ASN B 278 3.58 17.82 7.57
CA ASN B 278 3.49 19.30 7.63
C ASN B 278 3.75 20.00 6.29
N GLY B 279 2.67 20.07 5.48
CA GLY B 279 2.68 20.85 4.21
C GLY B 279 3.95 20.69 3.37
N LYS B 280 4.57 19.52 3.47
CA LYS B 280 5.80 19.19 2.72
C LYS B 280 5.91 17.69 2.45
N HIS B 281 5.86 17.40 1.15
CA HIS B 281 5.93 16.02 0.61
C HIS B 281 7.10 15.23 1.21
N ILE B 282 6.87 13.98 1.42
CA ILE B 282 7.80 12.95 1.97
C ILE B 282 8.76 12.53 0.91
N GLU B 283 9.61 11.56 1.14
CA GLU B 283 10.74 11.12 0.34
C GLU B 283 10.33 10.45 -0.94
N GLY B 284 9.02 10.32 -1.18
CA GLY B 284 8.57 9.95 -2.53
C GLY B 284 7.34 10.72 -2.99
N SER B 285 6.54 11.36 -2.11
CA SER B 285 5.25 11.95 -2.50
C SER B 285 5.41 12.82 -3.78
N PRO B 286 4.59 12.53 -4.78
CA PRO B 286 3.53 11.51 -4.78
C PRO B 286 4.02 10.22 -5.46
N PHE B 287 3.48 9.09 -5.01
CA PHE B 287 3.76 7.82 -5.72
C PHE B 287 2.54 7.47 -6.60
N LYS B 288 2.84 7.12 -7.83
CA LYS B 288 1.79 6.81 -8.82
C LYS B 288 1.64 5.28 -9.01
N GLN B 289 0.44 4.79 -8.75
CA GLN B 289 0.06 3.40 -9.04
C GLN B 289 -0.94 3.36 -10.20
N VAL B 290 -1.08 2.18 -10.82
CA VAL B 290 -2.03 1.99 -11.94
C VAL B 290 -2.99 0.86 -11.56
N LEU B 291 -4.28 1.07 -11.76
CA LEU B 291 -5.34 0.09 -11.45
C LEU B 291 -6.48 0.22 -12.46
N GLY B 292 -7.21 -0.90 -12.67
CA GLY B 292 -8.31 -0.96 -13.64
C GLY B 292 -7.93 -0.43 -15.04
N ASN B 293 -8.31 -1.17 -16.07
CA ASN B 293 -8.04 -0.75 -17.45
C ASN B 293 -8.76 0.58 -17.80
N PRO B 294 -7.98 1.60 -18.15
CA PRO B 294 -8.51 2.95 -18.47
C PRO B 294 -9.57 2.98 -19.59
N GLY B 295 -9.43 2.08 -20.59
CA GLY B 295 -10.32 2.03 -21.77
C GLY B 295 -11.74 1.49 -21.55
N LYS B 296 -11.90 0.63 -20.54
CA LYS B 296 -13.19 -0.01 -20.21
C LYS B 296 -14.02 0.77 -19.19
N LYS B 297 -13.34 1.60 -18.38
CA LYS B 297 -14.01 2.35 -17.30
C LYS B 297 -15.32 2.99 -17.76
N ASN B 298 -16.04 3.56 -16.80
CA ASN B 298 -17.20 4.39 -17.17
C ASN B 298 -16.73 5.48 -18.15
N PRO B 299 -17.52 5.73 -19.20
CA PRO B 299 -17.22 6.80 -20.18
C PRO B 299 -17.20 8.24 -19.63
N GLU B 300 -17.52 8.39 -18.35
CA GLU B 300 -17.67 9.72 -17.72
C GLU B 300 -16.96 9.94 -16.38
N VAL B 301 -16.40 8.88 -15.78
CA VAL B 301 -15.73 8.98 -14.47
C VAL B 301 -14.56 9.99 -14.56
N LYS B 302 -14.84 11.22 -14.19
CA LYS B 302 -13.80 12.25 -14.24
C LYS B 302 -13.03 12.17 -12.91
N SER B 303 -11.75 11.80 -13.05
CA SER B 303 -10.79 11.80 -11.93
C SER B 303 -11.01 13.00 -11.00
N PHE B 304 -10.87 12.73 -9.70
CA PHE B 304 -11.00 13.77 -8.67
C PHE B 304 -10.01 13.52 -7.53
N THR B 305 -10.11 14.35 -6.50
CA THR B 305 -9.23 14.24 -5.34
C THR B 305 -10.00 13.98 -4.04
N THR B 306 -9.64 12.87 -3.41
CA THR B 306 -10.14 12.56 -2.06
C THR B 306 -9.00 12.85 -1.08
N THR B 307 -9.26 13.75 -0.15
CA THR B 307 -8.25 14.20 0.83
C THR B 307 -8.74 13.84 2.23
N ARG B 308 -7.79 13.53 3.09
CA ARG B 308 -8.03 13.23 4.51
C ARG B 308 -6.81 13.71 5.29
N THR B 309 -7.10 14.37 6.39
CA THR B 309 -6.04 14.99 7.21
C THR B 309 -6.06 14.41 8.64
N ALA B 310 -4.86 14.31 9.20
CA ALA B 310 -4.69 13.98 10.62
C ALA B 310 -4.07 15.21 11.29
N ASN B 311 -4.83 15.78 12.22
CA ASN B 311 -4.46 17.03 12.95
C ASN B 311 -4.62 18.28 12.07
#